data_4HC9
#
_entry.id   4HC9
#
_cell.length_a   126.118
_cell.length_b   30.352
_cell.length_c   72.475
_cell.angle_alpha   90.000
_cell.angle_beta   98.590
_cell.angle_gamma   90.000
#
_symmetry.space_group_name_H-M   'C 1 2 1'
#
loop_
_entity.id
_entity.type
_entity.pdbx_description
1 polymer 'Trans-acting T-cell-specific transcription factor GATA-3'
2 polymer "DNA (5'-D(*TP*TP*CP*CP*TP*AP*AP*AP*TP*CP*AP*GP*AP*GP*AP*TP*AP*AP*CP*C)-3')"
3 polymer "DNA (5'-D(*AP*AP*GP*GP*TP*TP*AP*TP*CP*TP*CP*TP*GP*AP*TP*TP*TP*AP*GP*G)-3')"
4 non-polymer 'ZINC ION'
5 water water
#
loop_
_entity_poly.entity_id
_entity_poly.type
_entity_poly.pdbx_seq_one_letter_code
_entity_poly.pdbx_strand_id
1 'polypeptide(L)'
;GSHMGRECVNCGATSTPLWRRDGTGHYLCNACGLYHKMNGQNRPLIKPKRRLSAARRAGTSCANCQTTTTTLWRRNANGD
PVCNACGLYYKLHNINRPLTMKKEGIQTRNRKMSS
;
A
2 'polydeoxyribonucleotide' (DT)(DT)(DC)(DC)(DT)(DA)(DA)(DA)(DT)(DC)(DA)(DG)(DA)(DG)(DA)(DT)(DA)(DA)(DC)(DC) Y
3 'polydeoxyribonucleotide' (DA)(DA)(DG)(DG)(DT)(DT)(DA)(DT)(DC)(DT)(DC)(DT)(DG)(DA)(DT)(DT)(DT)(DA)(DG)(DG) Z
#
loop_
_chem_comp.id
_chem_comp.type
_chem_comp.name
_chem_comp.formula
DA DNA linking 2'-DEOXYADENOSINE-5'-MONOPHOSPHATE 'C10 H14 N5 O6 P'
DC DNA linking 2'-DEOXYCYTIDINE-5'-MONOPHOSPHATE 'C9 H14 N3 O7 P'
DG DNA linking 2'-DEOXYGUANOSINE-5'-MONOPHOSPHATE 'C10 H14 N5 O7 P'
DT DNA linking THYMIDINE-5'-MONOPHOSPHATE 'C10 H15 N2 O8 P'
ZN non-polymer 'ZINC ION' 'Zn 2'
#
# COMPACT_ATOMS: atom_id res chain seq x y z
N ARG A 6 8.95 10.53 13.31
CA ARG A 6 7.76 9.77 13.80
C ARG A 6 6.53 10.35 13.20
N GLU A 7 5.58 9.48 12.79
CA GLU A 7 4.29 9.93 12.29
C GLU A 7 3.16 9.00 12.72
N CYS A 8 1.96 9.56 12.77
CA CYS A 8 0.83 8.79 13.19
C CYS A 8 0.42 7.79 12.12
N VAL A 9 0.29 6.51 12.46
CA VAL A 9 -0.15 5.50 11.46
C VAL A 9 -1.59 5.71 10.90
N ASN A 10 -2.48 6.26 11.70
CA ASN A 10 -3.82 6.45 11.21
C ASN A 10 -3.96 7.66 10.31
N CYS A 11 -3.42 8.79 10.74
CA CYS A 11 -3.63 10.00 9.98
C CYS A 11 -2.44 10.66 9.32
N GLY A 12 -1.26 10.08 9.52
CA GLY A 12 -0.05 10.63 8.97
C GLY A 12 0.49 11.88 9.65
N ALA A 13 -0.23 12.44 10.64
CA ALA A 13 0.29 13.61 11.33
C ALA A 13 1.73 13.41 11.80
N THR A 14 2.53 14.48 11.73
CA THR A 14 3.91 14.43 12.16
C THR A 14 4.18 15.20 13.44
N SER A 15 3.13 15.77 14.02
CA SER A 15 3.30 16.43 15.31
C SER A 15 1.98 16.25 16.10
N THR A 16 2.04 16.33 17.41
CA THR A 16 0.86 16.07 18.28
C THR A 16 1.25 16.46 19.68
N PRO A 17 0.27 16.77 20.55
CA PRO A 17 0.69 17.12 21.90
C PRO A 17 1.28 15.93 22.67
N LEU A 18 0.91 14.71 22.28
CA LEU A 18 1.38 13.55 22.99
C LEU A 18 1.33 12.32 22.11
N TRP A 19 2.48 11.66 21.95
CA TRP A 19 2.49 10.41 21.15
C TRP A 19 1.97 9.21 21.95
N ARG A 20 1.18 8.36 21.32
CA ARG A 20 0.69 7.13 21.93
C ARG A 20 1.06 6.01 20.96
N ARG A 21 0.83 4.79 21.37
CA ARG A 21 1.10 3.70 20.43
C ARG A 21 -0.05 2.70 20.41
N ASP A 22 -0.11 1.88 19.35
CA ASP A 22 -1.15 0.86 19.31
C ASP A 22 -0.52 -0.41 19.85
N GLY A 23 -1.22 -1.53 19.76
CA GLY A 23 -0.66 -2.76 20.30
C GLY A 23 0.35 -3.49 19.40
N THR A 24 0.61 -2.98 18.21
CA THR A 24 1.51 -3.67 17.30
C THR A 24 2.73 -2.96 16.72
N GLY A 25 3.35 -2.08 17.50
CA GLY A 25 4.54 -1.39 17.01
C GLY A 25 4.33 -0.10 16.23
N HIS A 26 3.13 0.49 16.24
CA HIS A 26 2.93 1.75 15.50
C HIS A 26 2.70 2.88 16.49
N TYR A 27 2.92 4.09 16.02
CA TYR A 27 2.64 5.30 16.80
C TYR A 27 1.36 5.92 16.34
N LEU A 28 0.65 6.53 17.27
CA LEU A 28 -0.59 7.20 16.96
C LEU A 28 -0.52 8.58 17.59
N CYS A 29 -1.10 9.58 16.90
CA CYS A 29 -1.10 10.90 17.53
C CYS A 29 -2.05 10.80 18.72
N ASN A 30 -1.99 11.78 19.61
CA ASN A 30 -2.91 11.73 20.77
C ASN A 30 -4.38 11.57 20.36
N ALA A 31 -4.84 12.34 19.37
CA ALA A 31 -6.23 12.29 18.99
C ALA A 31 -6.64 10.91 18.46
N CYS A 32 -5.82 10.38 17.56
CA CYS A 32 -6.12 9.09 16.99
C CYS A 32 -6.05 7.97 18.04
N GLY A 33 -5.04 8.03 18.91
CA GLY A 33 -4.92 7.00 19.94
C GLY A 33 -6.11 7.00 20.88
N LEU A 34 -6.52 8.18 21.30
CA LEU A 34 -7.68 8.24 22.20
C LEU A 34 -8.95 7.78 21.53
N TYR A 35 -9.14 8.17 20.27
CA TYR A 35 -10.35 7.79 19.55
C TYR A 35 -10.45 6.27 19.46
N HIS A 36 -9.35 5.63 19.11
CA HIS A 36 -9.40 4.19 18.97
C HIS A 36 -9.75 3.48 20.27
N LYS A 37 -9.13 3.91 21.36
CA LYS A 37 -9.37 3.30 22.66
C LYS A 37 -10.81 3.53 23.09
N MET A 38 -11.37 4.71 22.82
CA MET A 38 -12.73 5.01 23.24
C MET A 38 -13.83 4.37 22.40
N ASN A 39 -13.54 4.16 21.12
CA ASN A 39 -14.57 3.65 20.22
C ASN A 39 -14.33 2.29 19.60
N GLY A 40 -13.08 1.86 19.58
CA GLY A 40 -12.77 0.56 19.00
C GLY A 40 -12.66 0.64 17.49
N GLN A 41 -12.69 1.85 16.95
CA GLN A 41 -12.55 2.05 15.51
C GLN A 41 -11.57 3.17 15.22
N ASN A 42 -10.96 3.10 14.05
CA ASN A 42 -10.01 4.09 13.62
C ASN A 42 -10.66 5.44 13.56
N ARG A 43 -9.90 6.47 13.93
CA ARG A 43 -10.42 7.82 13.90
C ARG A 43 -10.72 8.25 12.46
N PRO A 44 -11.98 8.61 12.18
CA PRO A 44 -12.32 9.05 10.83
C PRO A 44 -11.56 10.31 10.46
N LEU A 45 -11.06 10.33 9.23
CA LEU A 45 -10.27 11.45 8.71
C LEU A 45 -11.09 12.49 7.92
N ILE A 46 -10.67 13.75 8.05
CA ILE A 46 -11.31 14.84 7.33
C ILE A 46 -11.13 14.50 5.84
N LYS A 47 -9.88 14.22 5.46
CA LYS A 47 -9.54 13.82 4.10
C LYS A 47 -8.75 12.52 4.27
N PRO A 48 -8.80 11.62 3.27
CA PRO A 48 -8.09 10.35 3.35
C PRO A 48 -6.58 10.50 3.59
N LYS A 49 -6.00 9.59 4.35
CA LYS A 49 -4.57 9.60 4.65
C LYS A 49 -3.78 9.34 3.34
N ARG A 50 -2.90 10.26 2.94
CA ARG A 50 -2.12 10.12 1.70
C ARG A 50 -1.18 8.90 1.74
N ARG A 51 -0.80 8.40 0.57
CA ARG A 51 0.06 7.23 0.50
C ARG A 51 0.78 7.15 -0.86
N LEU A 52 0.29 6.25 -1.73
CA LEU A 52 0.78 5.96 -3.09
C LEU A 52 2.28 5.70 -3.24
N SER A 53 3.11 6.73 -3.07
CA SER A 53 4.58 6.59 -3.15
C SER A 53 5.16 6.41 -4.58
N ALA A 54 6.40 5.91 -4.62
CA ALA A 54 7.16 5.67 -5.87
C ALA A 54 6.54 4.51 -6.68
N ALA A 55 5.96 4.78 -7.85
CA ALA A 55 5.35 3.68 -8.56
C ALA A 55 6.27 3.18 -9.70
N ARG A 56 7.28 3.97 -10.09
CA ARG A 56 8.22 3.55 -11.17
C ARG A 56 9.60 3.21 -10.62
N ARG A 57 10.40 2.51 -11.41
CA ARG A 57 11.76 2.19 -11.05
C ARG A 57 12.55 2.20 -12.35
N ALA A 58 13.68 2.95 -12.41
CA ALA A 58 14.43 2.96 -13.66
C ALA A 58 14.79 1.55 -14.13
N GLY A 59 14.74 1.36 -15.43
CA GLY A 59 15.24 0.11 -15.94
C GLY A 59 14.28 -1.02 -15.65
N THR A 60 13.06 -0.69 -15.23
CA THR A 60 12.12 -1.83 -14.90
C THR A 60 10.73 -1.75 -15.44
N SER A 61 10.23 -2.90 -15.91
CA SER A 61 8.87 -2.98 -16.34
C SER A 61 8.44 -4.42 -16.04
N CYS A 62 7.14 -4.64 -16.07
CA CYS A 62 6.64 -6.02 -15.74
C CYS A 62 6.87 -7.00 -16.93
N ALA A 63 7.51 -8.11 -16.64
CA ALA A 63 7.76 -9.08 -17.74
C ALA A 63 6.45 -9.65 -18.27
N ASN A 64 5.39 -9.62 -17.48
CA ASN A 64 4.15 -10.29 -17.91
C ASN A 64 3.14 -9.42 -18.63
N CYS A 65 3.03 -8.14 -18.19
CA CYS A 65 2.03 -7.27 -18.78
C CYS A 65 2.60 -5.95 -19.38
N GLN A 66 3.88 -5.77 -19.17
CA GLN A 66 4.67 -4.65 -19.72
C GLN A 66 4.42 -3.30 -19.06
N THR A 67 3.63 -3.31 -17.98
CA THR A 67 3.43 -2.01 -17.31
C THR A 67 4.74 -1.48 -16.69
N THR A 68 4.83 -0.13 -16.53
CA THR A 68 6.01 0.50 -15.89
C THR A 68 5.63 1.08 -14.53
N THR A 69 4.39 0.88 -14.09
CA THR A 69 4.04 1.36 -12.74
C THR A 69 3.42 0.29 -11.86
N THR A 70 3.79 0.31 -10.58
CA THR A 70 3.14 -0.65 -9.65
C THR A 70 3.30 -0.21 -8.22
N THR A 71 2.47 -0.76 -7.36
CA THR A 71 2.56 -0.54 -5.93
C THR A 71 3.73 -1.33 -5.29
N LEU A 72 4.16 -2.45 -5.92
CA LEU A 72 5.28 -3.20 -5.38
C LEU A 72 5.83 -4.06 -6.47
N TRP A 73 7.12 -3.90 -6.74
CA TRP A 73 7.74 -4.78 -7.76
C TRP A 73 8.02 -6.15 -7.10
N ARG A 74 7.59 -7.20 -7.78
CA ARG A 74 7.82 -8.57 -7.31
C ARG A 74 8.72 -9.25 -8.35
N ARG A 75 8.93 -10.56 -8.25
CA ARG A 75 9.75 -11.27 -9.24
C ARG A 75 9.02 -12.56 -9.63
N ASN A 76 9.18 -12.92 -10.89
CA ASN A 76 8.63 -14.21 -11.32
C ASN A 76 9.70 -15.29 -11.05
N ALA A 77 9.36 -16.56 -11.37
CA ALA A 77 10.28 -17.63 -11.09
C ALA A 77 11.55 -17.58 -11.91
N ASN A 78 11.48 -16.88 -13.04
CA ASN A 78 12.64 -16.71 -13.92
C ASN A 78 13.54 -15.59 -13.40
N GLY A 79 13.13 -14.86 -12.35
CA GLY A 79 13.97 -13.78 -11.85
C GLY A 79 13.68 -12.42 -12.47
N ASP A 80 12.66 -12.35 -13.34
CA ASP A 80 12.34 -11.02 -13.94
C ASP A 80 11.41 -10.22 -13.04
N PRO A 81 11.54 -8.89 -13.04
CA PRO A 81 10.56 -8.12 -12.26
C PRO A 81 9.15 -8.29 -12.89
N VAL A 82 8.10 -8.39 -12.04
CA VAL A 82 6.74 -8.37 -12.47
C VAL A 82 6.02 -7.41 -11.50
N CYS A 83 4.91 -6.84 -11.95
CA CYS A 83 4.17 -5.87 -11.12
C CYS A 83 3.43 -6.61 -10.04
N ASN A 84 2.94 -5.86 -9.09
CA ASN A 84 2.24 -6.51 -7.96
C ASN A 84 1.05 -7.35 -8.45
N ALA A 85 0.22 -6.83 -9.36
CA ALA A 85 -0.96 -7.57 -9.80
C ALA A 85 -0.58 -8.89 -10.45
N CYS A 86 0.40 -8.82 -11.35
CA CYS A 86 0.78 -10.04 -12.06
C CYS A 86 1.42 -11.03 -11.09
N GLY A 87 2.28 -10.57 -10.16
CA GLY A 87 2.91 -11.54 -9.25
C GLY A 87 1.85 -12.23 -8.35
N LEU A 88 0.92 -11.44 -7.83
CA LEU A 88 -0.12 -12.02 -6.96
C LEU A 88 -1.04 -12.93 -7.75
N TYR A 89 -1.39 -12.57 -8.98
CA TYR A 89 -2.30 -13.43 -9.80
C TYR A 89 -1.65 -14.77 -10.04
N TYR A 90 -0.37 -14.77 -10.39
CA TYR A 90 0.31 -16.05 -10.65
C TYR A 90 0.35 -16.91 -9.41
N LYS A 91 0.68 -16.31 -8.27
CA LYS A 91 0.68 -17.10 -7.00
C LYS A 91 -0.68 -17.75 -6.71
N LEU A 92 -1.77 -17.08 -7.00
CA LEU A 92 -3.07 -17.63 -6.69
C LEU A 92 -3.54 -18.64 -7.72
N HIS A 93 -3.21 -18.40 -8.99
CA HIS A 93 -3.74 -19.26 -10.07
C HIS A 93 -2.78 -20.22 -10.76
N ASN A 94 -1.49 -20.04 -10.55
CA ASN A 94 -0.42 -20.80 -11.17
C ASN A 94 -0.43 -20.67 -12.67
N ILE A 95 -1.03 -19.60 -13.16
CA ILE A 95 -0.97 -19.25 -14.57
C ILE A 95 -0.73 -17.73 -14.61
N ASN A 96 -0.17 -17.28 -15.73
CA ASN A 96 0.14 -15.84 -15.85
C ASN A 96 -1.15 -15.07 -16.00
N ARG A 97 -1.14 -13.83 -15.49
CA ARG A 97 -2.30 -12.99 -15.62
C ARG A 97 -2.48 -12.62 -17.08
N PRO A 98 -3.66 -12.82 -17.66
CA PRO A 98 -3.85 -12.47 -19.08
C PRO A 98 -3.84 -10.97 -19.39
N LEU A 99 -3.48 -10.63 -20.62
CA LEU A 99 -3.42 -9.23 -21.01
C LEU A 99 -4.79 -8.61 -20.96
N THR A 100 -5.82 -9.43 -21.09
CA THR A 100 -7.18 -8.89 -21.03
C THR A 100 -7.50 -8.25 -19.67
N MET A 101 -6.74 -8.59 -18.64
CA MET A 101 -6.96 -8.01 -17.31
C MET A 101 -6.22 -6.71 -17.04
N LYS A 102 -5.40 -6.30 -17.99
CA LYS A 102 -4.59 -5.10 -17.79
C LYS A 102 -5.48 -3.86 -17.82
N LYS A 103 -5.38 -3.03 -16.80
CA LYS A 103 -6.20 -1.81 -16.68
C LYS A 103 -5.41 -0.51 -16.82
N GLU A 104 -6.11 0.56 -17.14
CA GLU A 104 -5.54 1.88 -17.33
C GLU A 104 -4.82 2.46 -16.09
N GLY A 105 -5.44 2.37 -14.92
CA GLY A 105 -4.79 2.94 -13.76
C GLY A 105 -4.67 1.99 -12.60
N ILE A 106 -4.21 2.51 -11.46
CA ILE A 106 -4.05 1.75 -10.22
C ILE A 106 -4.95 2.41 -9.17
N GLN A 107 -5.74 1.61 -8.46
CA GLN A 107 -6.65 2.12 -7.43
C GLN A 107 -5.99 2.32 -6.07
N THR A 108 -6.59 3.15 -5.23
CA THR A 108 -6.10 3.30 -3.87
C THR A 108 -7.18 2.77 -2.96
N ARG A 109 -6.82 2.41 -1.73
CA ARG A 109 -7.75 1.84 -0.77
C ARG A 109 -7.59 2.43 0.64
N ASN A 110 -8.74 2.54 1.32
CA ASN A 110 -8.86 2.99 2.72
C ASN A 110 -7.70 3.77 3.23
ZN ZN D . 2.11 -6.94 -14.74
ZN ZN E . -3.43 10.64 14.00
#